data_5UXW
#
_entry.id   5UXW
#
_cell.length_a   119.770
_cell.length_b   120.980
_cell.length_c   83.280
_cell.angle_alpha   90.00
_cell.angle_beta   90.00
_cell.angle_gamma   90.00
#
_symmetry.space_group_name_H-M   'C 2 2 21'
#
loop_
_entity.id
_entity.type
_entity.pdbx_description
1 polymer 'Sensory transduction regulatory protein'
2 non-polymer 1,2-ETHANEDIOL
3 water water
#
_entity_poly.entity_id   1
_entity_poly.type   'polypeptide(L)'
_entity_poly.pdbx_seq_one_letter_code
;MSLSTRIAPHLPYLRRFARSVTGSQSSGDAYVSAMLEALIADISIFPRASSDRIGTYWLFCHLFDQTTPNIPEPLPQFGL
EQKTSAKLSYLTPRARQAFLLIAVEGFNEQEASEIMNLDARDFRKLLNQASIDISQQIATQVMIIEDEPLIAMDIEQMVE
SLGHQVVGIARTRKEAVVMYHQKKPRLILADIQLADNSSGIDAVNDILQNDRIPVIFITAFPERLLTGERPEPTFLVTKP
FNPDMVKALISQALFFKENASKAALEAGWSHPQFEK
;
_entity_poly.pdbx_strand_id   A,B
#
# COMPACT_ATOMS: atom_id res chain seq x y z
N SER A 2 44.46 -1.64 -24.64
CA SER A 2 43.34 -2.57 -24.63
C SER A 2 42.54 -2.38 -23.36
N LEU A 3 43.22 -1.91 -22.32
CA LEU A 3 42.59 -1.62 -21.04
C LEU A 3 41.35 -0.75 -21.21
N SER A 4 41.45 0.25 -22.09
CA SER A 4 40.30 1.09 -22.41
C SER A 4 39.20 0.24 -23.05
N THR A 5 39.60 -0.65 -23.95
CA THR A 5 38.65 -1.49 -24.66
C THR A 5 38.03 -2.51 -23.70
N ARG A 6 38.66 -2.71 -22.56
CA ARG A 6 38.12 -3.59 -21.54
C ARG A 6 37.08 -2.87 -20.69
N ILE A 7 37.27 -1.58 -20.50
CA ILE A 7 36.45 -0.81 -19.58
C ILE A 7 35.35 -0.03 -20.30
N ALA A 8 35.71 0.63 -21.41
CA ALA A 8 34.76 1.50 -22.14
C ALA A 8 33.36 0.92 -22.34
N PRO A 9 33.22 -0.34 -22.83
CA PRO A 9 31.86 -0.83 -23.09
C PRO A 9 30.96 -0.89 -21.86
N HIS A 10 31.54 -0.97 -20.67
CA HIS A 10 30.75 -1.26 -19.47
C HIS A 10 30.42 -0.01 -18.66
N LEU A 11 31.02 1.11 -19.02
CA LEU A 11 30.82 2.36 -18.29
C LEU A 11 29.38 2.88 -18.34
N PRO A 12 28.69 2.76 -19.50
CA PRO A 12 27.29 3.20 -19.47
C PRO A 12 26.44 2.51 -18.40
N TYR A 13 26.45 1.18 -18.33
CA TYR A 13 25.66 0.49 -17.32
C TYR A 13 26.22 0.73 -15.90
N LEU A 14 27.52 0.95 -15.78
CA LEU A 14 28.08 1.30 -14.48
C LEU A 14 27.46 2.59 -13.97
N ARG A 15 27.27 3.58 -14.85
CA ARG A 15 26.60 4.81 -14.48
C ARG A 15 25.16 4.54 -14.02
N ARG A 16 24.47 3.62 -14.69
CA ARG A 16 23.12 3.22 -14.25
C ARG A 16 23.15 2.74 -12.79
N PHE A 17 24.01 1.78 -12.49
CA PHE A 17 24.19 1.33 -11.12
C PHE A 17 24.54 2.48 -10.18
N ALA A 18 25.47 3.33 -10.59
CA ALA A 18 25.91 4.47 -9.77
C ALA A 18 24.74 5.41 -9.50
N ARG A 19 23.95 5.67 -10.53
CA ARG A 19 22.79 6.53 -10.39
C ARG A 19 21.74 5.88 -9.47
N SER A 20 21.55 4.58 -9.62
CA SER A 20 20.56 3.85 -8.82
CA SER A 20 20.56 3.85 -8.83
C SER A 20 20.98 3.77 -7.36
N VAL A 21 22.29 3.74 -7.12
CA VAL A 21 22.85 3.69 -5.77
C VAL A 21 22.85 5.08 -5.11
N THR A 22 23.17 6.12 -5.88
CA THR A 22 23.32 7.46 -5.31
C THR A 22 22.04 8.27 -5.38
N GLY A 23 21.17 7.96 -6.33
CA GLY A 23 19.90 8.66 -6.42
C GLY A 23 19.86 9.89 -7.32
N SER A 24 20.97 10.21 -7.97
CA SER A 24 20.93 11.31 -8.94
C SER A 24 21.95 11.12 -10.04
N GLN A 25 21.76 11.84 -11.15
CA GLN A 25 22.72 11.78 -12.23
C GLN A 25 24.04 12.38 -11.82
N SER A 26 24.00 13.60 -11.31
CA SER A 26 25.23 14.32 -11.02
C SER A 26 26.08 13.53 -10.03
N SER A 27 25.43 12.95 -9.03
CA SER A 27 26.17 12.17 -8.05
C SER A 27 26.67 10.85 -8.64
N GLY A 28 25.77 10.11 -9.29
CA GLY A 28 26.14 8.85 -9.91
C GLY A 28 27.28 8.97 -10.91
N ASP A 29 27.16 9.92 -11.84
CA ASP A 29 28.22 10.18 -12.83
C ASP A 29 29.53 10.64 -12.19
N ALA A 30 29.44 11.36 -11.07
CA ALA A 30 30.64 11.88 -10.43
C ALA A 30 31.47 10.73 -9.87
N TYR A 31 30.79 9.72 -9.32
CA TYR A 31 31.49 8.54 -8.80
C TYR A 31 32.22 7.82 -9.91
N VAL A 32 31.53 7.58 -11.02
CA VAL A 32 32.15 6.93 -12.18
C VAL A 32 33.35 7.73 -12.71
N SER A 33 33.21 9.05 -12.80
CA SER A 33 34.32 9.92 -13.18
C SER A 33 35.46 9.83 -12.16
N ALA A 34 35.11 9.74 -10.89
CA ALA A 34 36.12 9.59 -9.85
C ALA A 34 36.87 8.28 -10.02
N MET A 35 36.17 7.23 -10.44
CA MET A 35 36.83 5.95 -10.69
C MET A 35 37.87 6.08 -11.83
N LEU A 36 37.50 6.78 -12.91
CA LEU A 36 38.43 7.03 -14.01
C LEU A 36 39.63 7.85 -13.54
N GLU A 37 39.38 8.84 -12.69
CA GLU A 37 40.45 9.63 -12.11
C GLU A 37 41.42 8.75 -11.35
N ALA A 38 40.88 7.76 -10.64
CA ALA A 38 41.70 6.85 -9.85
C ALA A 38 42.53 5.93 -10.75
N LEU A 39 41.93 5.49 -11.86
CA LEU A 39 42.65 4.69 -12.85
C LEU A 39 43.71 5.52 -13.57
N ILE A 40 43.41 6.79 -13.85
CA ILE A 40 44.38 7.71 -14.43
C ILE A 40 45.58 7.88 -13.48
N ALA A 41 45.30 7.93 -12.18
CA ALA A 41 46.35 8.12 -11.19
C ALA A 41 47.22 6.87 -11.11
N ASP A 42 46.60 5.69 -11.06
CA ASP A 42 47.36 4.44 -11.00
C ASP A 42 46.61 3.30 -11.70
N ILE A 43 47.00 3.02 -12.94
CA ILE A 43 46.29 2.04 -13.77
C ILE A 43 46.19 0.64 -13.14
N SER A 44 47.13 0.31 -12.26
CA SER A 44 47.25 -1.05 -11.75
C SER A 44 46.19 -1.39 -10.68
N ILE A 45 45.27 -0.47 -10.42
CA ILE A 45 44.22 -0.76 -9.47
C ILE A 45 43.10 -1.57 -10.12
N PHE A 46 43.08 -1.64 -11.45
CA PHE A 46 42.11 -2.49 -12.12
C PHE A 46 42.45 -3.95 -11.83
N PRO A 47 41.45 -4.75 -11.42
CA PRO A 47 41.68 -6.12 -10.98
C PRO A 47 41.59 -7.15 -12.11
N ARG A 48 42.18 -8.33 -11.88
CA ARG A 48 41.92 -9.47 -12.73
C ARG A 48 40.72 -10.27 -12.19
N ALA A 49 39.52 -9.75 -12.41
CA ALA A 49 38.31 -10.45 -12.01
C ALA A 49 37.99 -11.51 -13.06
N SER A 50 36.87 -12.20 -12.89
CA SER A 50 36.55 -13.29 -13.81
C SER A 50 36.05 -12.74 -15.14
N SER A 51 35.73 -11.45 -15.18
CA SER A 51 35.37 -10.78 -16.42
C SER A 51 35.67 -9.28 -16.33
N ASP A 52 35.76 -8.63 -17.49
CA ASP A 52 36.00 -7.19 -17.54
C ASP A 52 34.89 -6.40 -16.83
N ARG A 53 33.65 -6.77 -17.12
CA ARG A 53 32.51 -6.09 -16.52
C ARG A 53 32.54 -6.19 -15.00
N ILE A 54 32.78 -7.42 -14.50
CA ILE A 54 32.85 -7.66 -13.06
C ILE A 54 34.00 -6.86 -12.46
N GLY A 55 35.14 -6.86 -13.14
CA GLY A 55 36.29 -6.10 -12.69
C GLY A 55 35.93 -4.63 -12.52
N THR A 56 35.16 -4.11 -13.48
CA THR A 56 34.79 -2.71 -13.49
C THR A 56 33.90 -2.35 -12.30
N TYR A 57 32.84 -3.13 -12.08
CA TYR A 57 31.95 -2.95 -10.93
C TYR A 57 32.65 -3.22 -9.60
N TRP A 58 33.52 -4.23 -9.59
CA TRP A 58 34.33 -4.51 -8.41
C TRP A 58 35.13 -3.29 -8.02
N LEU A 59 35.82 -2.70 -9.00
CA LEU A 59 36.64 -1.53 -8.72
C LEU A 59 35.79 -0.41 -8.16
N PHE A 60 34.63 -0.20 -8.79
CA PHE A 60 33.73 0.85 -8.38
C PHE A 60 33.35 0.67 -6.91
N CYS A 61 32.95 -0.54 -6.53
CA CYS A 61 32.51 -0.79 -5.17
C CYS A 61 33.69 -0.78 -4.22
N HIS A 62 34.84 -1.22 -4.72
CA HIS A 62 36.06 -1.26 -3.91
C HIS A 62 36.57 0.14 -3.53
N LEU A 63 36.52 1.07 -4.48
CA LEU A 63 36.99 2.43 -4.20
C LEU A 63 36.03 3.18 -3.27
N PHE A 64 34.73 2.98 -3.46
CA PHE A 64 33.76 3.86 -2.82
C PHE A 64 32.93 3.20 -1.73
N ASP A 65 33.26 1.96 -1.37
CA ASP A 65 32.55 1.30 -0.28
C ASP A 65 33.43 0.39 0.58
N GLN A 66 34.48 0.97 1.16
CA GLN A 66 35.40 0.28 2.06
C GLN A 66 36.16 -0.84 1.35
N ALA A 86 31.50 10.16 0.44
CA ALA A 86 30.47 9.32 1.06
C ALA A 86 30.50 7.88 0.55
N LYS A 87 30.61 6.93 1.48
CA LYS A 87 30.57 5.50 1.18
C LYS A 87 29.23 5.13 0.54
N LEU A 88 29.27 4.21 -0.42
CA LEU A 88 28.06 3.81 -1.17
C LEU A 88 26.99 3.25 -0.23
N SER A 89 27.43 2.48 0.78
CA SER A 89 26.53 1.88 1.78
C SER A 89 25.73 2.92 2.58
N TYR A 90 26.26 4.13 2.69
CA TYR A 90 25.55 5.18 3.39
C TYR A 90 24.37 5.63 2.53
N LEU A 91 24.58 5.65 1.23
CA LEU A 91 23.57 6.07 0.27
C LEU A 91 22.55 4.96 0.00
N THR A 92 23.05 3.74 -0.21
CA THR A 92 22.20 2.57 -0.41
C THR A 92 22.85 1.36 0.29
N PRO A 93 22.15 0.78 1.27
CA PRO A 93 22.66 -0.36 2.04
C PRO A 93 23.08 -1.50 1.11
N ARG A 94 24.12 -2.24 1.48
CA ARG A 94 24.65 -3.31 0.64
C ARG A 94 23.58 -4.32 0.22
N ALA A 95 22.63 -4.59 1.10
CA ALA A 95 21.55 -5.53 0.79
C ALA A 95 20.81 -5.10 -0.49
N ARG A 96 20.47 -3.83 -0.57
CA ARG A 96 19.78 -3.32 -1.74
C ARG A 96 20.69 -3.20 -2.96
N GLN A 97 21.96 -2.88 -2.73
CA GLN A 97 22.94 -2.95 -3.80
C GLN A 97 22.94 -4.35 -4.41
N ALA A 98 22.88 -5.37 -3.55
CA ALA A 98 22.93 -6.76 -4.02
C ALA A 98 21.75 -7.03 -4.96
N PHE A 99 20.56 -6.60 -4.57
CA PHE A 99 19.39 -6.85 -5.40
C PHE A 99 19.48 -6.08 -6.73
N LEU A 100 20.01 -4.85 -6.69
CA LEU A 100 20.19 -4.06 -7.90
C LEU A 100 21.12 -4.74 -8.91
N LEU A 101 22.24 -5.28 -8.42
CA LEU A 101 23.20 -5.96 -9.27
C LEU A 101 22.58 -7.15 -10.02
N ILE A 102 21.63 -7.83 -9.38
CA ILE A 102 20.91 -8.94 -10.03
C ILE A 102 19.75 -8.42 -10.88
N ALA A 103 18.87 -7.66 -10.25
CA ALA A 103 17.58 -7.29 -10.86
C ALA A 103 17.73 -6.23 -11.93
N VAL A 104 18.66 -5.29 -11.76
CA VAL A 104 18.80 -4.22 -12.74
C VAL A 104 20.05 -4.39 -13.60
N GLU A 105 21.16 -4.76 -12.98
CA GLU A 105 22.40 -4.81 -13.74
C GLU A 105 22.57 -6.15 -14.46
N GLY A 106 21.75 -7.12 -14.11
CA GLY A 106 21.74 -8.37 -14.84
C GLY A 106 22.90 -9.33 -14.65
N PHE A 107 23.60 -9.22 -13.53
CA PHE A 107 24.56 -10.24 -13.12
C PHE A 107 23.81 -11.43 -12.48
N ASN A 108 24.42 -12.60 -12.51
CA ASN A 108 23.90 -13.73 -11.74
C ASN A 108 24.50 -13.64 -10.35
N GLU A 109 24.14 -14.58 -9.48
CA GLU A 109 24.56 -14.49 -8.09
C GLU A 109 26.06 -14.72 -7.89
N GLN A 110 26.65 -15.62 -8.67
CA GLN A 110 28.10 -15.86 -8.57
C GLN A 110 28.85 -14.58 -8.97
N GLU A 111 28.39 -13.93 -10.03
CA GLU A 111 29.02 -12.71 -10.52
C GLU A 111 28.87 -11.53 -9.55
N ALA A 112 27.67 -11.31 -9.04
CA ALA A 112 27.42 -10.19 -8.14
C ALA A 112 28.12 -10.41 -6.80
N SER A 113 28.20 -11.67 -6.37
CA SER A 113 28.93 -12.03 -5.16
C SER A 113 30.38 -11.61 -5.28
N GLU A 114 30.97 -11.93 -6.43
CA GLU A 114 32.36 -11.56 -6.70
C GLU A 114 32.51 -10.05 -6.67
N ILE A 115 31.56 -9.34 -7.26
CA ILE A 115 31.60 -7.88 -7.29
C ILE A 115 31.63 -7.32 -5.87
N MET A 116 30.86 -7.93 -4.97
CA MET A 116 30.73 -7.44 -3.61
C MET A 116 31.66 -8.12 -2.59
N ASN A 117 32.52 -9.01 -3.08
CA ASN A 117 33.47 -9.75 -2.24
C ASN A 117 32.83 -10.59 -1.15
N LEU A 118 31.79 -11.34 -1.53
CA LEU A 118 31.07 -12.16 -0.57
C LEU A 118 30.93 -13.58 -1.08
N ASP A 119 30.91 -14.55 -0.16
CA ASP A 119 30.63 -15.93 -0.55
C ASP A 119 29.15 -16.00 -0.91
N ALA A 120 28.81 -16.86 -1.87
CA ALA A 120 27.45 -16.95 -2.39
C ALA A 120 26.36 -17.01 -1.31
N ARG A 121 26.63 -17.71 -0.21
CA ARG A 121 25.64 -17.83 0.86
C ARG A 121 25.37 -16.50 1.54
N ASP A 122 26.43 -15.71 1.73
CA ASP A 122 26.32 -14.41 2.35
C ASP A 122 25.61 -13.44 1.41
N PHE A 123 25.86 -13.58 0.10
CA PHE A 123 25.15 -12.79 -0.89
C PHE A 123 23.67 -13.08 -0.82
N ARG A 124 23.32 -14.36 -0.82
CA ARG A 124 21.94 -14.79 -0.70
C ARG A 124 21.26 -14.22 0.55
N LYS A 125 22.03 -14.08 1.64
CA LYS A 125 21.54 -13.42 2.85
C LYS A 125 21.14 -11.98 2.54
N LEU A 126 22.00 -11.25 1.83
CA LEU A 126 21.74 -9.86 1.46
C LEU A 126 20.47 -9.76 0.63
N LEU A 127 20.39 -10.61 -0.39
CA LEU A 127 19.20 -10.67 -1.23
C LEU A 127 17.96 -10.84 -0.37
N ASN A 128 18.03 -11.75 0.59
CA ASN A 128 16.85 -12.02 1.40
C ASN A 128 16.47 -10.80 2.23
N GLN A 129 17.47 -10.15 2.85
CA GLN A 129 17.22 -8.93 3.61
C GLN A 129 16.63 -7.82 2.71
N ALA A 130 17.08 -7.74 1.46
CA ALA A 130 16.53 -6.78 0.50
C ALA A 130 15.06 -7.07 0.18
N SER A 131 14.75 -8.35 -0.03
CA SER A 131 13.38 -8.79 -0.24
C SER A 131 12.50 -8.37 0.92
N ILE A 132 13.02 -8.54 2.14
CA ILE A 132 12.35 -8.07 3.34
C ILE A 132 12.15 -6.55 3.28
N ASP A 133 13.24 -5.83 2.99
CA ASP A 133 13.20 -4.36 2.93
C ASP A 133 12.10 -3.84 2.00
N ILE A 134 12.03 -4.40 0.79
CA ILE A 134 11.08 -3.95 -0.21
C ILE A 134 9.63 -4.29 0.17
N SER A 135 9.43 -5.48 0.74
CA SER A 135 8.10 -5.92 1.14
C SER A 135 7.50 -5.02 2.22
N GLN A 136 8.38 -4.40 3.01
CA GLN A 136 7.93 -3.55 4.10
C GLN A 136 7.69 -2.12 3.63
N GLN A 137 8.12 -1.83 2.42
CA GLN A 137 7.89 -0.53 1.81
C GLN A 137 6.41 -0.36 1.50
N ILE A 138 5.87 0.82 1.78
CA ILE A 138 4.49 1.10 1.47
C ILE A 138 4.35 1.17 -0.04
N ALA A 139 3.30 0.56 -0.58
CA ALA A 139 3.08 0.56 -2.03
C ALA A 139 2.83 1.99 -2.50
N THR A 140 3.11 2.26 -3.77
CA THR A 140 2.91 3.60 -4.28
C THR A 140 1.82 3.67 -5.35
N GLN A 141 1.61 4.88 -5.86
CA GLN A 141 0.59 5.14 -6.85
C GLN A 141 1.28 5.61 -8.12
N VAL A 142 1.23 4.79 -9.17
CA VAL A 142 1.97 5.07 -10.40
C VAL A 142 1.11 5.63 -11.52
N MET A 143 1.60 6.66 -12.17
CA MET A 143 1.01 7.12 -13.43
C MET A 143 1.93 6.71 -14.58
N ILE A 144 1.39 6.03 -15.56
CA ILE A 144 2.17 5.60 -16.71
C ILE A 144 1.95 6.55 -17.89
N ILE A 145 3.04 7.00 -18.48
CA ILE A 145 2.98 7.78 -19.71
C ILE A 145 3.59 6.95 -20.82
N GLU A 146 2.73 6.38 -21.66
CA GLU A 146 3.17 5.49 -22.72
C GLU A 146 2.13 5.51 -23.83
N ASP A 147 2.57 5.75 -25.07
CA ASP A 147 1.67 5.86 -26.20
C ASP A 147 1.44 4.52 -26.89
N GLU A 148 2.44 3.63 -26.86
CA GLU A 148 2.31 2.31 -27.47
C GLU A 148 1.45 1.44 -26.56
N PRO A 149 0.24 1.08 -27.04
CA PRO A 149 -0.80 0.45 -26.23
C PRO A 149 -0.39 -0.90 -25.62
N LEU A 150 0.27 -1.76 -26.39
CA LEU A 150 0.73 -3.04 -25.87
C LEU A 150 1.78 -2.86 -24.78
N ILE A 151 2.65 -1.87 -24.94
CA ILE A 151 3.66 -1.59 -23.95
C ILE A 151 3.02 -1.10 -22.65
N ALA A 152 2.06 -0.19 -22.78
CA ALA A 152 1.38 0.37 -21.62
C ALA A 152 0.62 -0.69 -20.84
N MET A 153 -0.02 -1.62 -21.54
CA MET A 153 -0.74 -2.72 -20.90
CA MET A 153 -0.74 -2.72 -20.89
C MET A 153 0.21 -3.60 -20.11
N ASP A 154 1.36 -3.91 -20.71
CA ASP A 154 2.39 -4.69 -20.05
C ASP A 154 2.83 -4.05 -18.76
N ILE A 155 3.24 -2.79 -18.84
CA ILE A 155 3.79 -2.14 -17.68
C ILE A 155 2.70 -1.96 -16.62
N GLU A 156 1.45 -1.72 -17.02
CA GLU A 156 0.36 -1.62 -16.04
C GLU A 156 0.20 -2.92 -15.25
N GLN A 157 0.10 -4.05 -15.94
CA GLN A 157 -0.13 -5.32 -15.26
C GLN A 157 1.06 -5.69 -14.39
N MET A 158 2.26 -5.38 -14.86
CA MET A 158 3.48 -5.65 -14.11
C MET A 158 3.55 -4.83 -12.84
N VAL A 159 3.21 -3.55 -12.95
CA VAL A 159 3.24 -2.66 -11.78
C VAL A 159 2.23 -3.13 -10.75
N GLU A 160 1.03 -3.50 -11.17
CA GLU A 160 0.00 -3.99 -10.26
C GLU A 160 0.36 -5.35 -9.64
N SER A 161 0.94 -6.24 -10.43
CA SER A 161 1.34 -7.54 -9.90
C SER A 161 2.50 -7.39 -8.92
N LEU A 162 3.16 -6.24 -8.92
CA LEU A 162 4.21 -5.97 -7.93
C LEU A 162 3.62 -5.33 -6.66
N GLY A 163 2.29 -5.16 -6.63
CA GLY A 163 1.60 -4.67 -5.45
C GLY A 163 1.31 -3.17 -5.39
N HIS A 164 1.70 -2.44 -6.44
CA HIS A 164 1.45 -1.00 -6.50
C HIS A 164 0.14 -0.73 -7.20
N GLN A 165 -0.33 0.51 -7.14
CA GLN A 165 -1.53 0.89 -7.85
C GLN A 165 -1.16 1.68 -9.08
N VAL A 166 -1.92 1.49 -10.15
CA VAL A 166 -1.82 2.36 -11.32
C VAL A 166 -2.99 3.34 -11.30
N VAL A 167 -2.69 4.63 -11.25
CA VAL A 167 -3.73 5.64 -11.16
C VAL A 167 -4.33 5.89 -12.54
N GLY A 168 -3.60 5.48 -13.58
CA GLY A 168 -4.06 5.63 -14.94
C GLY A 168 -2.94 5.69 -15.96
N ILE A 169 -3.30 5.59 -17.24
CA ILE A 169 -2.33 5.70 -18.33
C ILE A 169 -2.66 6.88 -19.21
N ALA A 170 -1.71 7.80 -19.37
CA ALA A 170 -1.91 8.92 -20.27
C ALA A 170 -1.21 8.64 -21.58
N ARG A 171 -1.84 9.03 -22.69
CA ARG A 171 -1.29 8.78 -24.03
C ARG A 171 -0.63 10.04 -24.58
N THR A 172 -1.19 11.20 -24.23
CA THR A 172 -0.70 12.49 -24.71
C THR A 172 -0.27 13.42 -23.57
N ARG A 173 0.38 14.50 -23.94
CA ARG A 173 0.83 15.50 -22.99
C ARG A 173 -0.35 16.09 -22.22
N LYS A 174 -1.39 16.51 -22.94
CA LYS A 174 -2.58 17.09 -22.33
C LYS A 174 -3.23 16.13 -21.35
N GLU A 175 -3.23 14.84 -21.68
CA GLU A 175 -3.77 13.81 -20.80
C GLU A 175 -2.94 13.73 -19.53
N ALA A 176 -1.62 13.75 -19.69
CA ALA A 176 -0.71 13.59 -18.56
C ALA A 176 -0.80 14.75 -17.57
N VAL A 177 -0.87 15.97 -18.10
CA VAL A 177 -0.96 17.16 -17.26
C VAL A 177 -2.20 17.07 -16.37
N VAL A 178 -3.32 16.70 -16.99
CA VAL A 178 -4.58 16.56 -16.28
C VAL A 178 -4.54 15.42 -15.26
N MET A 179 -4.03 14.27 -15.70
CA MET A 179 -3.96 13.09 -14.83
C MET A 179 -3.05 13.37 -13.62
N TYR A 180 -1.94 14.04 -13.87
CA TYR A 180 -0.97 14.33 -12.81
C TYR A 180 -1.58 15.20 -11.70
N HIS A 181 -2.19 16.32 -12.06
CA HIS A 181 -2.73 17.24 -11.07
C HIS A 181 -4.06 16.77 -10.45
N GLN A 182 -4.74 15.82 -11.08
CA GLN A 182 -6.01 15.31 -10.55
C GLN A 182 -5.84 14.01 -9.75
N LYS A 183 -4.96 13.13 -10.21
CA LYS A 183 -4.77 11.83 -9.55
C LYS A 183 -3.58 11.84 -8.59
N LYS A 184 -2.77 12.90 -8.68
CA LYS A 184 -1.61 13.08 -7.81
C LYS A 184 -0.73 11.83 -7.65
N PRO A 185 -0.19 11.31 -8.77
CA PRO A 185 0.67 10.12 -8.66
C PRO A 185 1.91 10.39 -7.81
N ARG A 186 2.39 9.36 -7.12
CA ARG A 186 3.58 9.51 -6.30
C ARG A 186 4.81 9.04 -7.07
N LEU A 187 4.59 8.42 -8.23
CA LEU A 187 5.67 7.98 -9.09
C LEU A 187 5.21 7.93 -10.55
N ILE A 188 6.10 8.31 -11.46
CA ILE A 188 5.82 8.34 -12.89
CA ILE A 188 5.79 8.31 -12.88
C ILE A 188 6.68 7.33 -13.64
N LEU A 189 6.04 6.49 -14.44
CA LEU A 189 6.74 5.59 -15.34
C LEU A 189 6.50 6.09 -16.77
N ALA A 190 7.54 6.58 -17.42
CA ALA A 190 7.37 7.28 -18.68
C ALA A 190 8.27 6.75 -19.78
N ASP A 191 7.75 6.70 -21.00
CA ASP A 191 8.58 6.34 -22.14
C ASP A 191 9.43 7.56 -22.49
N ILE A 192 10.66 7.34 -22.95
CA ILE A 192 11.52 8.46 -23.32
C ILE A 192 11.03 9.12 -24.61
N GLN A 193 10.12 8.46 -25.31
CA GLN A 193 9.59 8.99 -26.56
C GLN A 193 8.07 8.89 -26.59
N LEU A 194 7.41 9.97 -27.02
CA LEU A 194 5.97 9.95 -27.18
C LEU A 194 5.55 9.77 -28.64
N ALA A 195 4.29 10.04 -28.92
CA ALA A 195 3.68 9.73 -30.21
C ALA A 195 4.37 10.44 -31.36
N ASP A 196 4.49 11.76 -31.24
CA ASP A 196 5.05 12.59 -32.31
C ASP A 196 6.59 12.48 -32.39
N ASN A 197 7.12 11.42 -31.76
CA ASN A 197 8.57 11.21 -31.60
C ASN A 197 9.24 12.29 -30.74
N SER A 198 8.44 13.17 -30.16
CA SER A 198 8.95 14.21 -29.28
C SER A 198 9.41 13.57 -27.96
N SER A 199 10.12 14.35 -27.15
CA SER A 199 10.77 13.80 -25.96
C SER A 199 9.82 13.57 -24.79
N GLY A 200 9.71 12.32 -24.36
CA GLY A 200 9.00 12.01 -23.12
C GLY A 200 9.68 12.59 -21.88
N ILE A 201 11.00 12.68 -21.93
CA ILE A 201 11.78 13.29 -20.85
C ILE A 201 11.43 14.77 -20.67
N ASP A 202 11.44 15.53 -21.76
CA ASP A 202 11.10 16.96 -21.70
C ASP A 202 9.67 17.14 -21.22
N ALA A 203 8.80 16.24 -21.68
CA ALA A 203 7.38 16.31 -21.40
C ALA A 203 7.10 16.16 -19.91
N VAL A 204 7.69 15.13 -19.31
CA VAL A 204 7.60 14.90 -17.87
C VAL A 204 8.17 16.05 -17.05
N ASN A 205 9.26 16.64 -17.53
CA ASN A 205 9.88 17.71 -16.77
C ASN A 205 9.09 18.99 -16.89
N ASP A 206 8.45 19.20 -18.06
CA ASP A 206 7.57 20.34 -18.28
C ASP A 206 6.35 20.27 -17.36
N ILE A 207 5.93 19.05 -17.04
CA ILE A 207 4.75 18.81 -16.19
C ILE A 207 5.04 18.97 -14.70
N LEU A 208 6.12 18.35 -14.25
CA LEU A 208 6.52 18.40 -12.83
C LEU A 208 7.00 19.77 -12.41
N GLN A 209 7.68 20.46 -13.33
CA GLN A 209 8.32 21.73 -13.02
C GLN A 209 9.28 21.56 -11.85
N ASN A 210 8.97 22.19 -10.72
CA ASN A 210 9.85 22.11 -9.54
C ASN A 210 9.49 20.97 -8.59
N ASP A 211 8.53 20.12 -8.96
CA ASP A 211 8.07 19.04 -8.11
C ASP A 211 9.11 17.92 -8.00
N ARG A 212 9.24 17.36 -6.80
CA ARG A 212 10.20 16.28 -6.55
C ARG A 212 9.49 14.93 -6.51
N ILE A 213 8.97 14.51 -7.66
CA ILE A 213 8.30 13.22 -7.82
C ILE A 213 9.22 12.28 -8.60
N PRO A 214 9.51 11.09 -8.02
CA PRO A 214 10.35 10.12 -8.74
C PRO A 214 9.79 9.71 -10.11
N VAL A 215 10.67 9.76 -11.10
CA VAL A 215 10.32 9.34 -12.44
C VAL A 215 11.26 8.25 -12.87
N ILE A 216 10.70 7.20 -13.45
CA ILE A 216 11.50 6.14 -14.02
C ILE A 216 11.18 6.11 -15.50
N PHE A 217 12.22 6.13 -16.32
CA PHE A 217 12.05 6.23 -17.75
C PHE A 217 12.29 4.89 -18.44
N ILE A 218 11.42 4.63 -19.41
CA ILE A 218 11.40 3.40 -20.18
C ILE A 218 12.08 3.62 -21.52
N THR A 219 13.05 2.78 -21.83
CA THR A 219 13.72 2.83 -23.12
C THR A 219 14.22 1.45 -23.53
N ALA A 220 14.40 1.23 -24.84
CA ALA A 220 14.94 -0.01 -25.36
C ALA A 220 16.45 0.09 -25.45
N PHE A 221 16.95 1.32 -25.37
CA PHE A 221 18.38 1.55 -25.48
C PHE A 221 18.88 2.44 -24.35
N PRO A 222 18.95 1.88 -23.13
CA PRO A 222 19.35 2.67 -21.96
C PRO A 222 20.75 3.28 -22.11
N GLU A 223 21.66 2.56 -22.78
CA GLU A 223 23.03 3.01 -22.98
CA GLU A 223 23.03 3.02 -22.95
C GLU A 223 23.13 4.40 -23.60
N ARG A 224 22.16 4.77 -24.43
CA ARG A 224 22.16 6.08 -25.10
C ARG A 224 21.90 7.23 -24.14
N LEU A 225 21.39 6.92 -22.96
CA LEU A 225 21.18 7.93 -21.94
C LEU A 225 22.12 7.71 -20.75
N LEU A 226 23.18 6.94 -20.97
CA LEU A 226 24.14 6.68 -19.91
C LEU A 226 25.56 7.14 -20.30
N THR A 227 25.64 8.20 -21.10
CA THR A 227 26.94 8.71 -21.56
C THR A 227 27.60 9.55 -20.48
N GLY A 228 26.79 10.23 -19.67
CA GLY A 228 27.31 11.16 -18.69
C GLY A 228 27.84 12.43 -19.33
N GLU A 229 27.38 12.73 -20.54
CA GLU A 229 27.89 13.87 -21.29
C GLU A 229 26.87 15.01 -21.40
N ARG A 230 25.68 14.77 -20.90
CA ARG A 230 24.59 15.73 -20.99
C ARG A 230 23.58 15.33 -19.94
N PRO A 231 22.63 16.23 -19.62
CA PRO A 231 21.55 15.86 -18.69
C PRO A 231 20.84 14.58 -19.12
N GLU A 232 20.77 13.61 -18.21
CA GLU A 232 20.19 12.29 -18.47
C GLU A 232 19.45 11.83 -17.20
N PRO A 233 18.46 10.95 -17.37
CA PRO A 233 17.66 10.54 -16.21
C PRO A 233 18.41 9.70 -15.16
N THR A 234 17.91 9.73 -13.93
CA THR A 234 18.43 8.93 -12.83
C THR A 234 18.02 7.46 -12.96
N PHE A 235 16.77 7.19 -13.30
CA PHE A 235 16.30 5.81 -13.39
C PHE A 235 15.84 5.45 -14.81
N LEU A 236 16.33 4.30 -15.28
CA LEU A 236 16.02 3.78 -16.59
C LEU A 236 15.63 2.31 -16.48
N VAL A 237 14.43 2.00 -16.94
CA VAL A 237 14.00 0.62 -17.03
C VAL A 237 14.08 0.24 -18.51
N THR A 238 14.64 -0.93 -18.78
CA THR A 238 14.80 -1.40 -20.14
C THR A 238 13.52 -2.10 -20.58
N LYS A 239 13.04 -1.77 -21.79
CA LYS A 239 12.01 -2.59 -22.43
C LYS A 239 12.71 -3.45 -23.47
N PRO A 240 12.33 -4.74 -23.57
CA PRO A 240 11.29 -5.47 -22.83
C PRO A 240 11.48 -5.54 -21.31
N PHE A 241 10.35 -5.46 -20.60
CA PHE A 241 10.33 -5.35 -19.15
C PHE A 241 10.67 -6.63 -18.42
N ASN A 242 11.40 -6.49 -17.32
CA ASN A 242 11.59 -7.56 -16.37
C ASN A 242 11.09 -7.11 -14.99
N PRO A 243 10.16 -7.88 -14.39
CA PRO A 243 9.47 -7.55 -13.13
C PRO A 243 10.43 -7.21 -12.00
N ASP A 244 11.54 -7.92 -11.90
CA ASP A 244 12.51 -7.64 -10.86
C ASP A 244 13.26 -6.31 -11.07
N MET A 245 13.51 -5.94 -12.33
CA MET A 245 14.12 -4.64 -12.63
CA MET A 245 14.14 -4.64 -12.59
C MET A 245 13.20 -3.51 -12.21
N VAL A 246 11.93 -3.62 -12.57
CA VAL A 246 10.93 -2.64 -12.22
C VAL A 246 10.77 -2.55 -10.70
N LYS A 247 10.70 -3.72 -10.06
CA LYS A 247 10.61 -3.80 -8.61
C LYS A 247 11.76 -3.06 -7.92
N ALA A 248 12.99 -3.28 -8.40
CA ALA A 248 14.17 -2.69 -7.81
C ALA A 248 14.18 -1.18 -7.98
N LEU A 249 13.83 -0.72 -9.17
CA LEU A 249 13.97 0.69 -9.46
C LEU A 249 12.87 1.48 -8.75
N ILE A 250 11.67 0.92 -8.70
CA ILE A 250 10.60 1.58 -7.96
C ILE A 250 10.97 1.64 -6.48
N SER A 251 11.52 0.54 -5.97
CA SER A 251 11.94 0.52 -4.57
C SER A 251 13.00 1.59 -4.26
N GLN A 252 14.07 1.67 -5.07
CA GLN A 252 15.10 2.69 -4.86
C GLN A 252 14.51 4.11 -4.88
N ALA A 253 13.72 4.41 -5.91
CA ALA A 253 13.13 5.73 -6.09
C ALA A 253 12.31 6.16 -4.88
N LEU A 254 11.53 5.22 -4.33
CA LEU A 254 10.69 5.50 -3.17
C LEU A 254 11.56 5.72 -1.93
N PHE A 255 12.61 4.92 -1.79
CA PHE A 255 13.54 5.08 -0.68
C PHE A 255 14.17 6.47 -0.65
N PHE A 256 14.75 6.90 -1.78
CA PHE A 256 15.36 8.21 -1.84
C PHE A 256 14.35 9.31 -1.55
N LYS A 257 13.16 9.17 -2.12
CA LYS A 257 12.09 10.15 -1.94
C LYS A 257 11.68 10.22 -0.48
N GLU A 258 11.60 9.06 0.18
CA GLU A 258 11.23 8.99 1.59
C GLU A 258 12.24 9.70 2.46
N ASN A 259 13.51 9.42 2.19
CA ASN A 259 14.62 10.00 2.94
C ASN A 259 14.75 11.50 2.69
N ALA A 260 14.41 11.95 1.49
CA ALA A 260 14.41 13.38 1.21
C ALA A 260 13.28 14.05 1.99
N SER A 261 12.10 13.44 1.96
CA SER A 261 10.94 14.02 2.63
C SER A 261 11.14 14.00 4.15
N LYS A 262 11.74 12.92 4.66
CA LYS A 262 12.04 12.81 6.08
C LYS A 262 13.05 13.88 6.49
N ALA A 263 14.01 14.17 5.62
CA ALA A 263 15.06 15.13 5.95
C ALA A 263 14.54 16.56 5.85
N ALA A 264 13.61 16.78 4.92
CA ALA A 264 12.99 18.09 4.75
C ALA A 264 11.97 18.36 5.86
N LEU A 265 11.51 17.29 6.50
CA LEU A 265 10.63 17.40 7.66
C LEU A 265 11.45 17.34 8.94
N GLU A 266 12.44 18.24 9.05
CA GLU A 266 13.36 18.24 10.19
C GLU A 266 14.11 19.57 10.31
N SER B 2 -34.72 -1.17 36.66
CA SER B 2 -34.50 -0.36 35.47
C SER B 2 -33.07 -0.47 34.99
N LEU B 3 -32.33 -1.46 35.48
CA LEU B 3 -31.01 -1.71 34.92
C LEU B 3 -31.19 -2.08 33.44
N SER B 4 -32.26 -2.80 33.15
CA SER B 4 -32.60 -3.18 31.79
C SER B 4 -32.82 -1.96 30.91
N THR B 5 -33.56 -0.98 31.43
CA THR B 5 -33.86 0.22 30.65
C THR B 5 -32.59 1.08 30.51
N ARG B 6 -31.63 0.89 31.39
CA ARG B 6 -30.37 1.60 31.29
C ARG B 6 -29.46 0.99 30.21
N ILE B 7 -29.51 -0.33 30.07
CA ILE B 7 -28.56 -1.04 29.21
C ILE B 7 -29.10 -1.30 27.80
N ALA B 8 -30.37 -1.67 27.72
CA ALA B 8 -31.03 -2.07 26.47
C ALA B 8 -30.82 -1.11 25.29
N PRO B 9 -30.93 0.22 25.50
CA PRO B 9 -30.77 1.05 24.30
C PRO B 9 -29.34 1.03 23.74
N HIS B 10 -28.40 0.53 24.52
CA HIS B 10 -27.01 0.55 24.08
C HIS B 10 -26.53 -0.77 23.49
N LEU B 11 -27.31 -1.83 23.63
CA LEU B 11 -26.94 -3.15 23.13
C LEU B 11 -26.75 -3.22 21.59
N PRO B 12 -27.63 -2.56 20.80
CA PRO B 12 -27.39 -2.62 19.35
C PRO B 12 -25.99 -2.16 18.91
N TYR B 13 -25.56 -0.98 19.31
CA TYR B 13 -24.24 -0.50 18.93
C TYR B 13 -23.12 -1.32 19.56
N LEU B 14 -23.40 -1.93 20.71
CA LEU B 14 -22.42 -2.80 21.33
C LEU B 14 -22.20 -4.04 20.47
N ARG B 15 -23.29 -4.53 19.86
CA ARG B 15 -23.18 -5.65 18.92
C ARG B 15 -22.38 -5.24 17.69
N ARG B 16 -22.55 -4.01 17.23
CA ARG B 16 -21.71 -3.48 16.15
C ARG B 16 -20.24 -3.51 16.56
N PHE B 17 -19.93 -2.98 17.74
CA PHE B 17 -18.55 -3.03 18.23
C PHE B 17 -18.07 -4.48 18.34
N ALA B 18 -18.90 -5.33 18.95
CA ALA B 18 -18.56 -6.75 19.10
C ALA B 18 -18.33 -7.43 17.74
N ARG B 19 -19.22 -7.16 16.77
CA ARG B 19 -19.06 -7.71 15.43
C ARG B 19 -17.77 -7.21 14.76
N SER B 20 -17.49 -5.92 14.89
CA SER B 20 -16.31 -5.31 14.29
CA SER B 20 -16.31 -5.36 14.25
C SER B 20 -15.03 -5.84 14.94
N VAL B 21 -15.15 -6.25 16.20
CA VAL B 21 -14.00 -6.73 16.96
C VAL B 21 -13.74 -8.22 16.73
N THR B 22 -14.81 -8.98 16.52
CA THR B 22 -14.68 -10.43 16.33
C THR B 22 -14.74 -10.89 14.87
N GLY B 23 -15.28 -10.05 13.99
CA GLY B 23 -15.32 -10.38 12.57
C GLY B 23 -16.50 -11.22 12.09
N SER B 24 -17.48 -11.46 12.95
CA SER B 24 -18.72 -12.11 12.49
C SER B 24 -19.89 -11.79 13.40
N GLN B 25 -21.10 -11.98 12.87
CA GLN B 25 -22.29 -11.78 13.65
C GLN B 25 -22.38 -12.79 14.77
N SER B 26 -22.16 -14.05 14.43
CA SER B 26 -22.37 -15.14 15.37
C SER B 26 -21.45 -14.97 16.57
N SER B 27 -20.21 -14.58 16.30
CA SER B 27 -19.24 -14.38 17.36
C SER B 27 -19.53 -13.10 18.17
N GLY B 28 -19.79 -12.00 17.48
CA GLY B 28 -20.08 -10.74 18.16
C GLY B 28 -21.31 -10.83 19.06
N ASP B 29 -22.43 -11.21 18.47
CA ASP B 29 -23.67 -11.41 19.22
C ASP B 29 -23.47 -12.33 20.42
N ALA B 30 -22.58 -13.32 20.28
CA ALA B 30 -22.36 -14.29 21.35
C ALA B 30 -21.64 -13.65 22.52
N TYR B 31 -20.75 -12.73 22.22
CA TYR B 31 -20.05 -12.03 23.29
C TYR B 31 -21.02 -11.12 24.01
N VAL B 32 -21.87 -10.45 23.25
CA VAL B 32 -22.85 -9.55 23.86
C VAL B 32 -23.82 -10.35 24.73
N SER B 33 -24.26 -11.50 24.22
CA SER B 33 -25.15 -12.37 24.96
C SER B 33 -24.50 -12.87 26.24
N ALA B 34 -23.21 -13.20 26.16
CA ALA B 34 -22.48 -13.72 27.32
C ALA B 34 -22.32 -12.64 28.38
N MET B 35 -22.22 -11.37 27.97
CA MET B 35 -22.16 -10.28 28.93
C MET B 35 -23.46 -10.23 29.75
N LEU B 36 -24.59 -10.31 29.06
CA LEU B 36 -25.89 -10.29 29.73
C LEU B 36 -26.01 -11.46 30.68
N GLU B 37 -25.46 -12.60 30.27
CA GLU B 37 -25.47 -13.78 31.13
C GLU B 37 -24.64 -13.54 32.39
N ALA B 38 -23.52 -12.84 32.25
CA ALA B 38 -22.70 -12.52 33.41
C ALA B 38 -23.46 -11.58 34.35
N LEU B 39 -24.27 -10.69 33.76
CA LEU B 39 -25.03 -9.71 34.52
C LEU B 39 -26.17 -10.35 35.29
N ILE B 40 -26.89 -11.27 34.67
CA ILE B 40 -27.95 -12.01 35.36
C ILE B 40 -27.40 -12.74 36.58
N ALA B 41 -26.23 -13.34 36.42
CA ALA B 41 -25.62 -14.11 37.48
C ALA B 41 -25.20 -13.23 38.66
N ASP B 42 -25.00 -11.94 38.38
CA ASP B 42 -24.57 -11.00 39.40
C ASP B 42 -24.71 -9.57 38.91
N ILE B 43 -25.91 -9.02 39.11
CA ILE B 43 -26.27 -7.67 38.72
C ILE B 43 -25.24 -6.60 39.09
N SER B 44 -24.70 -6.69 40.31
CA SER B 44 -23.83 -5.65 40.85
C SER B 44 -22.52 -5.43 40.10
N ILE B 45 -22.20 -6.26 39.11
CA ILE B 45 -20.94 -6.09 38.39
C ILE B 45 -21.04 -4.97 37.36
N PHE B 46 -22.23 -4.43 37.18
CA PHE B 46 -22.38 -3.25 36.34
C PHE B 46 -21.71 -2.08 37.06
N PRO B 47 -20.76 -1.42 36.38
CA PRO B 47 -20.04 -0.31 37.02
C PRO B 47 -20.93 0.90 37.17
N ARG B 48 -20.43 1.92 37.85
CA ARG B 48 -21.05 3.23 37.75
C ARG B 48 -20.08 4.13 37.00
N ALA B 49 -20.01 3.91 35.69
CA ALA B 49 -19.16 4.71 34.82
C ALA B 49 -19.73 6.13 34.69
N SER B 50 -19.13 6.95 33.83
CA SER B 50 -19.58 8.33 33.69
C SER B 50 -20.88 8.40 32.88
N SER B 51 -21.29 7.28 32.29
CA SER B 51 -22.54 7.19 31.54
C SER B 51 -22.98 5.73 31.35
N ASP B 52 -24.29 5.50 31.15
CA ASP B 52 -24.81 4.16 30.92
C ASP B 52 -24.08 3.45 29.77
N ARG B 53 -23.95 4.14 28.65
CA ARG B 53 -23.32 3.56 27.47
C ARG B 53 -21.89 3.13 27.78
N ILE B 54 -21.13 4.05 28.35
CA ILE B 54 -19.74 3.79 28.70
C ILE B 54 -19.60 2.60 29.66
N GLY B 55 -20.50 2.51 30.64
CA GLY B 55 -20.50 1.39 31.55
C GLY B 55 -20.74 0.06 30.85
N THR B 56 -21.67 0.06 29.91
CA THR B 56 -21.98 -1.14 29.14
C THR B 56 -20.76 -1.61 28.34
N TYR B 57 -20.09 -0.68 27.67
CA TYR B 57 -18.91 -1.00 26.87
C TYR B 57 -17.74 -1.40 27.74
N TRP B 58 -17.55 -0.65 28.82
CA TRP B 58 -16.54 -0.96 29.82
C TRP B 58 -16.70 -2.37 30.34
N LEU B 59 -17.95 -2.74 30.65
CA LEU B 59 -18.23 -4.08 31.17
C LEU B 59 -17.85 -5.13 30.13
N PHE B 60 -18.24 -4.87 28.90
CA PHE B 60 -17.93 -5.76 27.79
C PHE B 60 -16.42 -6.03 27.67
N CYS B 61 -15.62 -4.96 27.69
CA CYS B 61 -14.18 -5.11 27.54
C CYS B 61 -13.55 -5.72 28.81
N HIS B 62 -14.10 -5.35 29.95
CA HIS B 62 -13.63 -5.86 31.23
C HIS B 62 -13.80 -7.38 31.32
N LEU B 63 -14.99 -7.87 30.96
CA LEU B 63 -15.28 -9.29 31.01
C LEU B 63 -14.49 -10.13 30.00
N PHE B 64 -14.20 -9.56 28.84
CA PHE B 64 -13.69 -10.34 27.73
C PHE B 64 -12.27 -9.98 27.30
N ASP B 65 -11.64 -9.02 27.98
CA ASP B 65 -10.29 -8.63 27.59
C ASP B 65 -9.34 -8.27 28.74
N GLN B 66 -9.47 -9.00 29.84
CA GLN B 66 -8.52 -8.97 30.97
C GLN B 66 -9.04 -9.87 32.07
N ALA B 86 -11.63 -16.78 24.43
CA ALA B 86 -10.73 -15.96 23.63
C ALA B 86 -10.83 -14.49 23.99
N LYS B 87 -9.69 -13.89 24.34
CA LYS B 87 -9.66 -12.48 24.69
C LYS B 87 -9.91 -11.62 23.46
N LEU B 88 -10.53 -10.46 23.65
CA LEU B 88 -10.82 -9.56 22.54
C LEU B 88 -9.52 -9.20 21.82
N SER B 89 -8.45 -9.03 22.60
CA SER B 89 -7.14 -8.64 22.08
C SER B 89 -6.54 -9.62 21.07
N TYR B 90 -6.89 -10.89 21.21
CA TYR B 90 -6.38 -11.93 20.33
C TYR B 90 -7.13 -11.85 19.00
N LEU B 91 -8.33 -11.28 19.05
CA LEU B 91 -9.14 -11.16 17.84
C LEU B 91 -8.87 -9.82 17.15
N THR B 92 -8.80 -8.76 17.94
CA THR B 92 -8.48 -7.42 17.43
C THR B 92 -7.58 -6.74 18.45
N PRO B 93 -6.33 -6.45 18.07
CA PRO B 93 -5.35 -5.78 18.94
C PRO B 93 -5.94 -4.55 19.60
N ARG B 94 -5.53 -4.25 20.84
CA ARG B 94 -6.11 -3.16 21.61
C ARG B 94 -6.07 -1.82 20.84
N ALA B 95 -4.96 -1.60 20.12
CA ALA B 95 -4.80 -0.38 19.34
C ALA B 95 -5.94 -0.20 18.33
N ARG B 96 -6.26 -1.26 17.62
CA ARG B 96 -7.32 -1.19 16.62
C ARG B 96 -8.69 -1.08 17.28
N GLN B 97 -8.85 -1.71 18.45
CA GLN B 97 -10.04 -1.51 19.25
C GLN B 97 -10.24 -0.03 19.57
N ALA B 98 -9.16 0.63 19.98
CA ALA B 98 -9.19 2.04 20.31
C ALA B 98 -9.73 2.86 19.13
N PHE B 99 -9.16 2.67 17.94
CA PHE B 99 -9.60 3.43 16.78
C PHE B 99 -11.08 3.18 16.49
N LEU B 100 -11.50 1.93 16.60
CA LEU B 100 -12.90 1.56 16.40
C LEU B 100 -13.85 2.32 17.33
N LEU B 101 -13.45 2.45 18.60
CA LEU B 101 -14.30 3.12 19.59
C LEU B 101 -14.48 4.60 19.22
N ILE B 102 -13.44 5.21 18.65
CA ILE B 102 -13.56 6.57 18.15
C ILE B 102 -14.23 6.62 16.78
N ALA B 103 -13.64 5.92 15.80
CA ALA B 103 -14.06 6.10 14.40
C ALA B 103 -15.44 5.55 14.09
N VAL B 104 -15.84 4.47 14.74
CA VAL B 104 -17.11 3.83 14.41
C VAL B 104 -18.16 4.03 15.50
N GLU B 105 -17.73 3.90 16.76
CA GLU B 105 -18.65 3.92 17.88
C GLU B 105 -18.98 5.34 18.35
N GLY B 106 -18.21 6.32 17.88
CA GLY B 106 -18.51 7.71 18.14
C GLY B 106 -18.25 8.18 19.55
N PHE B 107 -17.26 7.59 20.23
CA PHE B 107 -16.84 8.11 21.52
C PHE B 107 -15.72 9.10 21.29
N ASN B 108 -15.46 9.96 22.28
CA ASN B 108 -14.26 10.79 22.26
C ASN B 108 -13.17 10.09 23.07
N GLU B 109 -12.01 10.73 23.16
CA GLU B 109 -10.85 10.08 23.71
C GLU B 109 -11.00 9.84 25.22
N GLN B 110 -11.63 10.79 25.91
CA GLN B 110 -11.93 10.65 27.33
C GLN B 110 -12.80 9.43 27.58
N GLU B 111 -13.90 9.35 26.84
CA GLU B 111 -14.88 8.29 27.01
C GLU B 111 -14.32 6.91 26.70
N ALA B 112 -13.57 6.81 25.59
CA ALA B 112 -12.98 5.55 25.17
C ALA B 112 -11.87 5.13 26.11
N SER B 113 -11.10 6.09 26.61
CA SER B 113 -10.10 5.84 27.64
C SER B 113 -10.71 5.23 28.90
N GLU B 114 -11.90 5.72 29.24
CA GLU B 114 -12.61 5.20 30.40
C GLU B 114 -13.05 3.76 30.16
N ILE B 115 -13.56 3.48 28.96
CA ILE B 115 -13.97 2.13 28.57
C ILE B 115 -12.82 1.13 28.67
N MET B 116 -11.62 1.56 28.26
CA MET B 116 -10.47 0.65 28.20
C MET B 116 -9.54 0.75 29.42
N ASN B 117 -9.94 1.53 30.42
CA ASN B 117 -9.14 1.72 31.64
C ASN B 117 -7.74 2.23 31.36
N LEU B 118 -7.61 3.20 30.48
CA LEU B 118 -6.33 3.83 30.20
C LEU B 118 -6.40 5.30 30.48
N ASP B 119 -5.31 5.93 30.90
CA ASP B 119 -5.34 7.38 30.93
C ASP B 119 -5.21 7.83 29.47
N ALA B 120 -5.48 9.11 29.22
CA ALA B 120 -5.66 9.61 27.87
C ALA B 120 -4.40 9.52 27.01
N ARG B 121 -3.24 9.59 27.66
CA ARG B 121 -1.98 9.53 26.94
C ARG B 121 -1.70 8.14 26.38
N ASP B 122 -2.02 7.10 27.15
CA ASP B 122 -1.85 5.74 26.64
C ASP B 122 -2.83 5.45 25.50
N PHE B 123 -4.08 5.88 25.67
CA PHE B 123 -5.07 5.73 24.62
C PHE B 123 -4.58 6.41 23.32
N ARG B 124 -4.10 7.64 23.42
CA ARG B 124 -3.55 8.35 22.26
C ARG B 124 -2.40 7.57 21.61
N LYS B 125 -1.57 6.91 22.42
CA LYS B 125 -0.50 6.06 21.87
C LYS B 125 -1.08 4.85 21.13
N LEU B 126 -2.22 4.34 21.60
CA LEU B 126 -2.90 3.24 20.91
C LEU B 126 -3.44 3.72 19.56
N LEU B 127 -4.04 4.92 19.54
CA LEU B 127 -4.53 5.47 18.28
C LEU B 127 -3.39 5.63 17.30
N ASN B 128 -2.23 6.08 17.81
CA ASN B 128 -1.07 6.28 16.97
C ASN B 128 -0.59 4.94 16.40
N GLN B 129 -0.62 3.90 17.22
CA GLN B 129 -0.21 2.57 16.76
C GLN B 129 -1.21 2.05 15.70
N ALA B 130 -2.50 2.20 15.97
CA ALA B 130 -3.54 1.77 15.03
C ALA B 130 -3.30 2.46 13.70
N SER B 131 -3.06 3.75 13.78
CA SER B 131 -2.80 4.57 12.60
C SER B 131 -1.66 4.02 11.74
N ILE B 132 -0.59 3.62 12.40
CA ILE B 132 0.56 3.00 11.72
C ILE B 132 0.22 1.63 11.10
N ASP B 133 -0.52 0.80 11.84
CA ASP B 133 -0.93 -0.53 11.34
C ASP B 133 -1.73 -0.39 10.04
N ILE B 134 -2.65 0.57 10.03
CA ILE B 134 -3.53 0.72 8.89
C ILE B 134 -2.78 1.29 7.68
N SER B 135 -1.90 2.26 7.90
CA SER B 135 -1.10 2.84 6.83
C SER B 135 -0.22 1.80 6.14
N GLN B 136 0.11 0.73 6.85
CA GLN B 136 0.95 -0.36 6.33
C GLN B 136 0.13 -1.53 5.77
N GLN B 137 -1.18 -1.47 5.94
CA GLN B 137 -2.06 -2.50 5.41
C GLN B 137 -2.11 -2.41 3.89
N ILE B 138 -2.12 -3.55 3.23
CA ILE B 138 -2.24 -3.59 1.78
C ILE B 138 -3.59 -3.03 1.37
N ALA B 139 -3.59 -2.09 0.42
CA ALA B 139 -4.84 -1.50 -0.06
C ALA B 139 -5.65 -2.52 -0.84
N THR B 140 -6.97 -2.35 -0.87
CA THR B 140 -7.83 -3.30 -1.54
C THR B 140 -8.51 -2.67 -2.75
N GLN B 141 -9.32 -3.46 -3.44
CA GLN B 141 -10.06 -3.01 -4.60
C GLN B 141 -11.57 -3.09 -4.31
N VAL B 142 -12.21 -1.92 -4.28
CA VAL B 142 -13.60 -1.80 -3.84
C VAL B 142 -14.60 -1.65 -4.98
N MET B 143 -15.68 -2.42 -4.91
CA MET B 143 -16.87 -2.15 -5.73
C MET B 143 -17.95 -1.52 -4.87
N ILE B 144 -18.48 -0.41 -5.34
CA ILE B 144 -19.54 0.29 -4.62
C ILE B 144 -20.89 -0.02 -5.23
N ILE B 145 -21.83 -0.46 -4.39
CA ILE B 145 -23.21 -0.65 -4.83
C ILE B 145 -24.08 0.40 -4.17
N GLU B 146 -24.64 1.29 -4.99
CA GLU B 146 -25.35 2.46 -4.49
C GLU B 146 -26.18 3.06 -5.63
N ASP B 147 -27.49 3.16 -5.41
CA ASP B 147 -28.41 3.59 -6.46
CA ASP B 147 -28.42 3.60 -6.45
C ASP B 147 -28.39 5.11 -6.67
N GLU B 148 -28.16 5.88 -5.61
CA GLU B 148 -28.09 7.35 -5.74
C GLU B 148 -26.72 7.80 -6.22
N PRO B 149 -26.67 8.41 -7.40
CA PRO B 149 -25.45 8.77 -8.12
C PRO B 149 -24.51 9.65 -7.30
N LEU B 150 -25.05 10.70 -6.70
CA LEU B 150 -24.24 11.66 -5.96
C LEU B 150 -23.62 11.05 -4.71
N ILE B 151 -24.37 10.19 -4.03
CA ILE B 151 -23.85 9.47 -2.87
C ILE B 151 -22.73 8.55 -3.31
N ALA B 152 -22.93 7.88 -4.43
CA ALA B 152 -21.94 6.93 -4.93
C ALA B 152 -20.61 7.64 -5.16
N MET B 153 -20.66 8.80 -5.82
CA MET B 153 -19.48 9.63 -6.05
C MET B 153 -18.79 10.04 -4.75
N ASP B 154 -19.59 10.42 -3.75
CA ASP B 154 -19.08 10.71 -2.41
C ASP B 154 -18.25 9.53 -1.88
N ILE B 155 -18.87 8.36 -1.91
CA ILE B 155 -18.22 7.16 -1.39
C ILE B 155 -16.92 6.88 -2.14
N GLU B 156 -16.92 7.02 -3.46
CA GLU B 156 -15.72 6.72 -4.24
C GLU B 156 -14.58 7.62 -3.82
N GLN B 157 -14.86 8.93 -3.78
CA GLN B 157 -13.84 9.90 -3.39
C GLN B 157 -13.27 9.59 -2.01
N MET B 158 -14.15 9.28 -1.07
CA MET B 158 -13.75 8.99 0.29
C MET B 158 -12.83 7.77 0.30
N VAL B 159 -13.33 6.69 -0.28
CA VAL B 159 -12.58 5.44 -0.36
C VAL B 159 -11.21 5.65 -1.02
N GLU B 160 -11.18 6.41 -2.11
CA GLU B 160 -9.92 6.62 -2.79
C GLU B 160 -8.95 7.51 -1.98
N SER B 161 -9.48 8.40 -1.16
CA SER B 161 -8.63 9.25 -0.32
C SER B 161 -7.95 8.41 0.77
N LEU B 162 -8.52 7.26 1.07
CA LEU B 162 -7.93 6.36 2.05
C LEU B 162 -6.83 5.50 1.46
N GLY B 163 -6.65 5.58 0.14
CA GLY B 163 -5.59 4.85 -0.53
C GLY B 163 -6.05 3.55 -1.18
N HIS B 164 -7.34 3.26 -1.09
CA HIS B 164 -7.91 2.12 -1.80
C HIS B 164 -8.34 2.53 -3.21
N GLN B 165 -8.36 1.57 -4.13
CA GLN B 165 -8.88 1.84 -5.46
C GLN B 165 -10.33 1.36 -5.56
N VAL B 166 -11.08 2.04 -6.40
CA VAL B 166 -12.47 1.71 -6.65
C VAL B 166 -12.58 1.14 -8.07
N VAL B 167 -13.00 -0.12 -8.17
CA VAL B 167 -13.07 -0.79 -9.47
C VAL B 167 -14.27 -0.28 -10.25
N GLY B 168 -15.28 0.23 -9.55
CA GLY B 168 -16.48 0.72 -10.21
C GLY B 168 -17.67 0.97 -9.29
N ILE B 169 -18.70 1.60 -9.85
CA ILE B 169 -19.94 1.86 -9.13
C ILE B 169 -21.15 1.23 -9.82
N ALA B 170 -21.88 0.39 -9.09
CA ALA B 170 -23.10 -0.21 -9.60
C ALA B 170 -24.32 0.37 -8.92
N ARG B 171 -25.34 0.72 -9.70
CA ARG B 171 -26.54 1.30 -9.15
C ARG B 171 -27.60 0.24 -8.88
N THR B 172 -27.58 -0.83 -9.69
CA THR B 172 -28.57 -1.88 -9.60
C THR B 172 -27.91 -3.24 -9.40
N ARG B 173 -28.73 -4.23 -9.01
CA ARG B 173 -28.26 -5.60 -8.86
C ARG B 173 -27.74 -6.13 -10.20
N LYS B 174 -28.45 -5.82 -11.27
CA LYS B 174 -28.09 -6.31 -12.59
C LYS B 174 -26.69 -5.80 -13.02
N GLU B 175 -26.42 -4.54 -12.77
CA GLU B 175 -25.11 -3.95 -13.07
C GLU B 175 -24.03 -4.55 -12.17
N ALA B 176 -24.38 -4.73 -10.89
CA ALA B 176 -23.44 -5.24 -9.91
C ALA B 176 -22.98 -6.65 -10.25
N VAL B 177 -23.89 -7.49 -10.74
CA VAL B 177 -23.56 -8.86 -11.09
C VAL B 177 -22.46 -8.86 -12.14
N VAL B 178 -22.62 -8.01 -13.15
CA VAL B 178 -21.66 -7.94 -14.24
C VAL B 178 -20.32 -7.40 -13.74
N MET B 179 -20.38 -6.30 -12.99
CA MET B 179 -19.19 -5.62 -12.51
CA MET B 179 -19.16 -5.65 -12.57
C MET B 179 -18.37 -6.53 -11.61
N TYR B 180 -19.06 -7.24 -10.72
CA TYR B 180 -18.39 -8.15 -9.79
C TYR B 180 -17.56 -9.19 -10.53
N HIS B 181 -18.13 -9.75 -11.59
CA HIS B 181 -17.43 -10.78 -12.34
C HIS B 181 -16.46 -10.19 -13.36
N GLN B 182 -16.72 -8.96 -13.81
CA GLN B 182 -15.83 -8.32 -14.77
C GLN B 182 -14.59 -7.74 -14.08
N LYS B 183 -14.80 -7.00 -13.00
CA LYS B 183 -13.75 -6.23 -12.36
C LYS B 183 -13.05 -6.98 -11.23
N LYS B 184 -13.72 -8.00 -10.70
CA LYS B 184 -13.20 -8.82 -9.62
C LYS B 184 -12.76 -8.04 -8.35
N PRO B 185 -13.69 -7.32 -7.72
CA PRO B 185 -13.34 -6.54 -6.52
C PRO B 185 -12.97 -7.43 -5.34
N ARG B 186 -12.13 -6.94 -4.43
CA ARG B 186 -11.73 -7.72 -3.26
C ARG B 186 -12.47 -7.30 -1.98
N LEU B 187 -13.32 -6.29 -2.11
CA LEU B 187 -14.22 -5.86 -1.03
C LEU B 187 -15.42 -5.15 -1.65
N ILE B 188 -16.58 -5.31 -1.02
CA ILE B 188 -17.80 -4.66 -1.48
CA ILE B 188 -17.77 -4.62 -1.50
C ILE B 188 -18.29 -3.66 -0.45
N LEU B 189 -18.69 -2.49 -0.92
CA LEU B 189 -19.28 -1.44 -0.09
C LEU B 189 -20.68 -1.17 -0.66
N ALA B 190 -21.72 -1.57 0.07
CA ALA B 190 -23.06 -1.64 -0.51
C ALA B 190 -24.14 -1.04 0.39
N ASP B 191 -24.97 -0.21 -0.22
CA ASP B 191 -26.15 0.34 0.45
C ASP B 191 -27.12 -0.80 0.70
N ILE B 192 -27.70 -0.86 1.90
CA ILE B 192 -28.69 -1.90 2.18
C ILE B 192 -30.02 -1.68 1.44
N GLN B 193 -30.23 -0.48 0.91
CA GLN B 193 -31.45 -0.20 0.14
C GLN B 193 -31.13 0.36 -1.25
N LEU B 194 -31.67 -0.29 -2.28
CA LEU B 194 -31.44 0.14 -3.65
C LEU B 194 -32.67 0.79 -4.27
N ALA B 195 -32.77 0.73 -5.60
CA ALA B 195 -33.75 1.48 -6.39
C ALA B 195 -35.19 1.44 -5.84
N ASP B 196 -35.89 0.35 -6.06
CA ASP B 196 -37.30 0.28 -5.71
C ASP B 196 -37.48 -0.13 -4.25
N ASN B 197 -36.77 0.57 -3.35
CA ASN B 197 -36.73 0.22 -1.93
C ASN B 197 -36.38 -1.25 -1.73
N SER B 198 -35.53 -1.78 -2.61
CA SER B 198 -35.20 -3.20 -2.60
C SER B 198 -33.90 -3.50 -1.84
N SER B 199 -33.71 -4.78 -1.49
CA SER B 199 -32.61 -5.19 -0.62
C SER B 199 -31.23 -5.21 -1.29
N GLY B 200 -30.31 -4.41 -0.77
CA GLY B 200 -28.91 -4.47 -1.19
C GLY B 200 -28.23 -5.67 -0.55
N ILE B 201 -28.76 -6.09 0.60
CA ILE B 201 -28.24 -7.27 1.30
C ILE B 201 -28.50 -8.54 0.50
N ASP B 202 -29.72 -8.68 -0.01
CA ASP B 202 -30.08 -9.82 -0.83
C ASP B 202 -29.29 -9.80 -2.14
N ALA B 203 -29.13 -8.61 -2.71
CA ALA B 203 -28.36 -8.45 -3.94
C ALA B 203 -26.93 -8.97 -3.75
N VAL B 204 -26.25 -8.48 -2.71
CA VAL B 204 -24.88 -8.90 -2.43
C VAL B 204 -24.77 -10.41 -2.18
N ASN B 205 -25.69 -10.96 -1.37
CA ASN B 205 -25.68 -12.38 -1.08
C ASN B 205 -25.98 -13.23 -2.31
N ASP B 206 -26.81 -12.71 -3.21
CA ASP B 206 -27.10 -13.38 -4.49
C ASP B 206 -25.86 -13.38 -5.38
N ILE B 207 -25.15 -12.27 -5.39
CA ILE B 207 -23.97 -12.13 -6.24
C ILE B 207 -22.83 -13.00 -5.74
N LEU B 208 -22.51 -12.87 -4.46
CA LEU B 208 -21.34 -13.54 -3.89
CA LEU B 208 -21.34 -13.54 -3.89
C LEU B 208 -21.50 -15.05 -3.81
N GLN B 209 -22.72 -15.51 -3.53
CA GLN B 209 -22.97 -16.91 -3.24
C GLN B 209 -22.05 -17.32 -2.07
N ASN B 210 -21.12 -18.23 -2.32
CA ASN B 210 -20.20 -18.66 -1.27
C ASN B 210 -18.82 -18.00 -1.34
N ASP B 211 -18.70 -16.93 -2.12
CA ASP B 211 -17.43 -16.22 -2.22
C ASP B 211 -17.10 -15.53 -0.91
N ARG B 212 -15.89 -15.78 -0.41
CA ARG B 212 -15.44 -15.17 0.83
C ARG B 212 -14.87 -13.79 0.56
N ILE B 213 -15.72 -12.90 0.04
CA ILE B 213 -15.33 -11.52 -0.22
C ILE B 213 -15.94 -10.64 0.85
N PRO B 214 -15.10 -9.87 1.57
CA PRO B 214 -15.62 -9.00 2.63
C PRO B 214 -16.62 -7.95 2.14
N VAL B 215 -17.67 -7.75 2.91
CA VAL B 215 -18.71 -6.78 2.56
C VAL B 215 -18.99 -5.83 3.71
N ILE B 216 -19.16 -4.56 3.37
CA ILE B 216 -19.57 -3.56 4.34
C ILE B 216 -20.84 -2.91 3.84
N PHE B 217 -21.86 -2.89 4.68
CA PHE B 217 -23.15 -2.34 4.28
C PHE B 217 -23.37 -0.93 4.85
N ILE B 218 -24.06 -0.11 4.07
CA ILE B 218 -24.31 1.27 4.41
C ILE B 218 -25.77 1.49 4.73
N THR B 219 -26.06 2.09 5.87
CA THR B 219 -27.45 2.34 6.25
C THR B 219 -27.61 3.58 7.10
N ALA B 220 -28.74 4.27 6.95
CA ALA B 220 -29.07 5.40 7.80
C ALA B 220 -29.54 4.90 9.17
N PHE B 221 -29.98 3.65 9.23
CA PHE B 221 -30.54 3.10 10.46
C PHE B 221 -29.86 1.79 10.88
N PRO B 222 -28.61 1.87 11.36
CA PRO B 222 -27.81 0.69 11.72
C PRO B 222 -28.40 -0.13 12.87
N GLU B 223 -28.98 0.54 13.85
CA GLU B 223 -29.66 -0.15 14.96
C GLU B 223 -30.66 -1.22 14.50
N ARG B 224 -31.30 -1.02 13.35
CA ARG B 224 -32.28 -1.99 12.85
C ARG B 224 -31.64 -3.30 12.40
N LEU B 225 -30.32 -3.27 12.17
CA LEU B 225 -29.58 -4.46 11.73
C LEU B 225 -28.64 -4.97 12.83
N LEU B 226 -28.87 -4.50 14.05
CA LEU B 226 -28.05 -4.90 15.19
C LEU B 226 -28.89 -5.50 16.32
N THR B 227 -30.01 -6.11 15.95
CA THR B 227 -30.93 -6.67 16.94
C THR B 227 -30.41 -7.99 17.50
N GLY B 228 -29.63 -8.69 16.68
CA GLY B 228 -29.15 -10.02 17.05
C GLY B 228 -30.22 -11.10 17.04
N GLU B 229 -31.35 -10.80 16.42
CA GLU B 229 -32.48 -11.74 16.41
C GLU B 229 -32.70 -12.45 15.07
N ARG B 230 -31.84 -12.16 14.09
CA ARG B 230 -31.91 -12.78 12.76
C ARG B 230 -30.57 -12.55 12.05
N PRO B 231 -30.33 -13.22 10.91
CA PRO B 231 -29.09 -12.96 10.18
C PRO B 231 -28.93 -11.48 9.85
N GLU B 232 -27.79 -10.91 10.24
CA GLU B 232 -27.50 -9.49 10.08
C GLU B 232 -26.03 -9.34 9.68
N PRO B 233 -25.67 -8.22 9.02
CA PRO B 233 -24.30 -8.01 8.55
C PRO B 233 -23.29 -7.80 9.68
N THR B 234 -22.03 -8.14 9.43
CA THR B 234 -20.94 -7.96 10.38
C THR B 234 -20.49 -6.49 10.43
N PHE B 235 -20.40 -5.86 9.26
CA PHE B 235 -19.86 -4.51 9.14
C PHE B 235 -20.89 -3.53 8.62
N LEU B 236 -21.11 -2.47 9.39
CA LEU B 236 -22.13 -1.49 9.07
C LEU B 236 -21.56 -0.10 9.11
N VAL B 237 -21.62 0.61 7.98
CA VAL B 237 -21.30 2.04 7.95
C VAL B 237 -22.60 2.83 8.07
N THR B 238 -22.58 3.86 8.90
CA THR B 238 -23.74 4.69 9.12
C THR B 238 -23.80 5.86 8.15
N LYS B 239 -24.96 6.08 7.55
CA LYS B 239 -25.25 7.33 6.84
C LYS B 239 -25.66 8.42 7.82
N PRO B 240 -25.03 9.60 7.74
CA PRO B 240 -23.96 9.92 6.80
C PRO B 240 -22.60 9.50 7.35
N PHE B 241 -21.72 9.10 6.46
CA PHE B 241 -20.43 8.55 6.81
C PHE B 241 -19.32 9.61 6.80
N ASN B 242 -18.19 9.23 7.37
CA ASN B 242 -16.98 10.03 7.32
C ASN B 242 -15.81 9.08 7.03
N PRO B 243 -14.68 9.61 6.54
CA PRO B 243 -13.50 8.79 6.20
C PRO B 243 -13.00 7.86 7.32
N ASP B 244 -12.96 8.32 8.56
CA ASP B 244 -12.41 7.52 9.65
C ASP B 244 -13.24 6.27 9.92
N MET B 245 -14.56 6.43 9.88
CA MET B 245 -15.49 5.33 10.07
CA MET B 245 -15.45 5.29 10.10
C MET B 245 -15.27 4.25 9.01
N VAL B 246 -15.16 4.69 7.75
CA VAL B 246 -14.98 3.77 6.64
C VAL B 246 -13.59 3.15 6.70
N LYS B 247 -12.61 3.98 7.04
CA LYS B 247 -11.23 3.55 7.20
C LYS B 247 -11.12 2.36 8.14
N ALA B 248 -11.74 2.47 9.31
CA ALA B 248 -11.69 1.45 10.34
C ALA B 248 -12.30 0.13 9.90
N LEU B 249 -13.48 0.21 9.29
CA LEU B 249 -14.21 -0.98 8.93
C LEU B 249 -13.56 -1.73 7.77
N ILE B 250 -13.14 -0.99 6.74
CA ILE B 250 -12.41 -1.59 5.64
C ILE B 250 -11.19 -2.32 6.17
N SER B 251 -10.46 -1.62 7.04
CA SER B 251 -9.27 -2.15 7.66
C SER B 251 -9.54 -3.42 8.45
N GLN B 252 -10.59 -3.41 9.27
CA GLN B 252 -10.96 -4.58 10.04
C GLN B 252 -11.32 -5.74 9.11
N ALA B 253 -12.18 -5.46 8.13
CA ALA B 253 -12.59 -6.45 7.11
C ALA B 253 -11.38 -7.10 6.45
N LEU B 254 -10.42 -6.29 6.05
CA LEU B 254 -9.21 -6.77 5.38
C LEU B 254 -8.34 -7.59 6.33
N PHE B 255 -8.20 -7.15 7.58
CA PHE B 255 -7.38 -7.87 8.56
C PHE B 255 -7.91 -9.29 8.82
N PHE B 256 -9.21 -9.40 9.07
CA PHE B 256 -9.85 -10.72 9.24
C PHE B 256 -9.67 -11.59 8.00
N LYS B 257 -10.02 -11.05 6.82
CA LYS B 257 -9.82 -11.75 5.55
C LYS B 257 -8.37 -12.23 5.37
N GLU B 258 -7.40 -11.39 5.74
CA GLU B 258 -5.99 -11.77 5.68
CA GLU B 258 -6.00 -11.79 5.66
C GLU B 258 -5.70 -12.92 6.63
N ASN B 259 -6.18 -12.81 7.85
CA ASN B 259 -5.95 -13.83 8.87
C ASN B 259 -6.51 -15.19 8.45
N ALA B 260 -7.64 -15.16 7.76
CA ALA B 260 -8.25 -16.40 7.28
C ALA B 260 -7.42 -17.03 6.15
N SER B 261 -6.83 -16.18 5.32
CA SER B 261 -6.01 -16.63 4.21
C SER B 261 -4.69 -17.23 4.70
N LYS B 262 -4.06 -16.53 5.64
CA LYS B 262 -2.80 -17.00 6.21
C LYS B 262 -3.02 -18.32 6.92
N ALA B 263 -4.19 -18.47 7.56
CA ALA B 263 -4.54 -19.69 8.26
C ALA B 263 -4.57 -20.90 7.31
N ALA B 264 -5.25 -20.74 6.18
CA ALA B 264 -5.43 -21.85 5.23
C ALA B 264 -4.12 -22.24 4.54
N LEU B 265 -3.36 -21.24 4.10
CA LEU B 265 -2.10 -21.45 3.39
C LEU B 265 -0.96 -21.88 4.33
#